data_6A77
#
_entry.id   6A77
#
_cell.length_a   100.566
_cell.length_b   100.566
_cell.length_c   122.756
_cell.angle_alpha   90.00
_cell.angle_beta   90.00
_cell.angle_gamma   90.00
#
_symmetry.space_group_name_H-M   'P 43 21 2'
#
loop_
_entity.id
_entity.type
_entity.pdbx_description
1 polymer 'Roundabout homolog 1'
2 polymer 'Light chain of the anti-human Robo1 antibody B5209B Fab'
3 polymer 'Heavy chain of the anti-human Robo1 antibody B5209B Fab'
4 water water
#
loop_
_entity_poly.entity_id
_entity_poly.type
_entity_poly.pdbx_seq_one_letter_code
_entity_poly.pdbx_strand_id
1 'polypeptide(L)'
;MGPVIRQGPVNQTVAVDGTFVLSCVATGSPVPTILWRKDGVLVSTQDSRIKQLENGVLQIRYAKLGDTGRYTCIASTPSG
EATWSAYIEVQ
;
A
2 'polypeptide(L)'
;DIQMTQSPASLSASVGETVTITCGASENIYGALTWYQRKQGKSPQLLIYGAINLADDKSSRFSGSGSGRQYSLKISSLHP
DDVATYYCQNVLSTPFTFGSGTKLEIKRADAAPTVSIFPPSSEQLTSGGASVVCFLNNFYPKDINVKWKIDGSERQNGVL
NSWTDQDSKDSTYSMSSTLTLTKDEYERHNSYTCEATHKTSTSPIVKSFNR
;
L
3 'polypeptide(L)'
;EVQLVESGGGVVQPGGSLKLSCAASGFTFSTYDMSWVRQTPDKRLELVATINSNGGSTYYPDSVKGRFTSSRDNAKNILY
LQMSSLKSEDTAMYYCAREALLRPPYYALDYWGQGTSVTVSSAKTTPPSVYPLAPGCGDTTGSSVTLGCLVKGYFPESVT
VTWNSGSLSSSVHTFPALLQSGLYTMSSSVTVPSSTWPSQTVTCSVAHPASSTTVDKKLEP
;
H
#
# COMPACT_ATOMS: atom_id res chain seq x y z
N MET A 1 28.49 39.18 18.76
CA MET A 1 28.84 39.29 17.30
C MET A 1 28.24 38.20 16.35
N GLY A 2 26.98 37.71 16.52
CA GLY A 2 25.90 38.22 17.44
C GLY A 2 24.56 38.08 16.71
N PRO A 3 23.44 37.70 17.41
CA PRO A 3 22.31 36.85 16.85
C PRO A 3 21.39 37.45 15.77
N VAL A 4 21.30 36.78 14.61
CA VAL A 4 20.32 37.10 13.55
C VAL A 4 19.45 35.87 13.31
N ILE A 5 18.12 36.05 13.35
CA ILE A 5 17.17 35.03 12.90
C ILE A 5 17.16 35.16 11.39
N ARG A 6 17.53 34.07 10.71
CA ARG A 6 17.61 34.03 9.23
C ARG A 6 16.32 33.55 8.64
N GLN A 7 15.65 32.62 9.32
CA GLN A 7 14.25 32.31 9.06
C GLN A 7 13.48 32.30 10.36
N GLY A 8 12.37 33.01 10.36
CA GLY A 8 11.43 33.04 11.45
C GLY A 8 10.10 32.49 11.03
N PRO A 9 9.14 32.47 11.97
CA PRO A 9 7.84 31.91 11.74
C PRO A 9 7.02 32.79 10.85
N VAL A 10 5.95 32.23 10.34
CA VAL A 10 5.19 32.84 9.26
C VAL A 10 3.74 32.94 9.71
N ASN A 11 3.10 34.07 9.42
CA ASN A 11 1.71 34.31 9.88
C ASN A 11 0.85 33.32 9.16
N GLN A 12 -0.11 32.70 9.85
CA GLN A 12 -0.95 31.64 9.25
C GLN A 12 -2.41 31.66 9.75
N THR A 13 -3.31 31.28 8.84
CA THR A 13 -4.61 30.70 9.22
C THR A 13 -4.57 29.14 9.24
N VAL A 14 -4.97 28.53 10.35
CA VAL A 14 -4.93 27.08 10.47
C VAL A 14 -6.28 26.58 10.92
N ALA A 15 -6.63 25.38 10.46
CA ALA A 15 -7.89 24.77 10.82
C ALA A 15 -7.81 24.07 12.16
N VAL A 16 -8.92 24.05 12.86
CA VAL A 16 -9.01 23.30 14.12
C VAL A 16 -8.75 21.85 13.78
N ASP A 17 -8.04 21.17 14.69
CA ASP A 17 -7.57 19.74 14.65
C ASP A 17 -6.33 19.51 13.82
N GLY A 18 -5.94 20.50 13.01
CA GLY A 18 -4.82 20.38 12.14
C GLY A 18 -3.50 20.54 12.83
N THR A 19 -2.45 20.52 12.01
CA THR A 19 -1.13 20.56 12.54
C THR A 19 -0.43 21.75 11.95
N PHE A 20 0.29 22.52 12.75
CA PHE A 20 0.97 23.66 12.12
C PHE A 20 2.31 23.82 12.74
N VAL A 21 3.18 24.57 12.07
CA VAL A 21 4.50 24.78 12.58
C VAL A 21 4.97 26.20 12.80
N LEU A 22 5.80 26.29 13.82
CA LEU A 22 6.59 27.48 14.14
C LEU A 22 8.05 27.16 13.89
N SER A 23 8.63 27.82 12.91
CA SER A 23 10.00 27.59 12.56
C SER A 23 10.88 28.78 12.94
N CYS A 24 12.08 28.45 13.39
CA CYS A 24 13.08 29.46 13.72
C CYS A 24 14.53 29.02 13.50
N VAL A 25 15.23 29.65 12.56
CA VAL A 25 16.62 29.39 12.22
C VAL A 25 17.49 30.65 12.49
N ALA A 26 18.42 30.51 13.43
CA ALA A 26 19.26 31.62 13.91
C ALA A 26 20.76 31.36 13.77
N THR A 27 21.51 32.42 13.43
CA THR A 27 22.97 32.38 13.41
C THR A 27 23.47 33.32 14.48
N GLY A 28 24.69 33.12 14.91
CA GLY A 28 25.33 34.04 15.84
C GLY A 28 26.54 33.46 16.52
N SER A 29 27.18 34.30 17.33
CA SER A 29 28.41 33.90 17.95
C SER A 29 28.54 34.40 19.39
N PRO A 30 28.59 33.49 20.36
CA PRO A 30 28.44 32.04 20.16
C PRO A 30 27.03 31.59 19.64
N VAL A 31 26.89 30.31 19.33
CA VAL A 31 25.59 29.70 18.99
C VAL A 31 24.49 30.29 19.90
N PRO A 32 23.39 30.86 19.33
CA PRO A 32 22.36 31.43 20.22
C PRO A 32 21.40 30.43 20.87
N THR A 33 20.99 30.61 22.13
CA THR A 33 19.80 29.90 22.68
C THR A 33 18.49 30.38 22.04
N ILE A 34 17.65 29.44 21.62
CA ILE A 34 16.34 29.71 21.06
C ILE A 34 15.32 29.33 22.11
N LEU A 35 14.35 30.20 22.35
CA LEU A 35 13.13 29.92 23.16
C LEU A 35 11.90 30.50 22.43
N TRP A 36 10.73 29.96 22.74
CA TRP A 36 9.45 30.35 22.15
C TRP A 36 8.53 30.87 23.21
N ARG A 37 7.82 31.94 22.88
CA ARG A 37 6.82 32.50 23.76
C ARG A 37 5.56 32.65 22.97
N LYS A 38 4.43 32.48 23.67
CA LYS A 38 3.11 32.75 23.16
C LYS A 38 2.43 33.80 24.03
N ASP A 39 1.94 34.85 23.39
CA ASP A 39 1.40 36.03 24.08
C ASP A 39 2.27 36.36 25.29
N GLY A 40 3.58 36.49 25.04
CA GLY A 40 4.54 36.76 26.09
C GLY A 40 4.90 35.67 27.10
N VAL A 41 4.21 34.55 27.14
CA VAL A 41 4.52 33.51 28.12
C VAL A 41 5.29 32.39 27.43
N LEU A 42 6.24 31.80 28.11
CA LEU A 42 7.03 30.73 27.53
C LEU A 42 6.15 29.56 27.19
N VAL A 43 6.34 29.03 25.99
CA VAL A 43 5.56 27.88 25.51
C VAL A 43 5.85 26.62 26.34
N SER A 44 4.82 25.79 26.57
CA SER A 44 4.88 24.45 27.29
C SER A 44 5.72 23.33 26.60
N THR A 45 6.22 22.33 27.33
CA THR A 45 6.49 20.97 26.71
C THR A 45 5.54 19.87 27.24
N GLN A 46 5.13 20.01 28.49
CA GLN A 46 3.98 19.27 29.09
C GLN A 46 2.73 19.07 28.23
N ASP A 47 2.59 19.88 27.17
CA ASP A 47 1.58 19.62 26.19
C ASP A 47 2.07 18.64 25.10
N SER A 48 1.56 17.41 25.18
CA SER A 48 1.85 16.40 24.20
C SER A 48 1.66 16.85 22.76
N ARG A 49 0.80 17.81 22.51
CA ARG A 49 0.55 18.28 21.13
C ARG A 49 1.68 19.12 20.54
N ILE A 50 2.56 19.60 21.39
CA ILE A 50 3.52 20.61 21.03
C ILE A 50 4.88 19.93 21.13
N LYS A 51 5.52 19.72 19.97
CA LYS A 51 6.84 19.08 19.92
C LYS A 51 7.95 19.81 19.17
N GLN A 52 9.15 19.68 19.74
CA GLN A 52 10.35 20.17 19.13
C GLN A 52 10.84 19.10 18.14
N LEU A 53 10.87 19.49 16.88
CA LEU A 53 11.46 18.70 15.82
C LEU A 53 12.87 19.29 15.49
N GLU A 54 13.51 18.83 14.41
CA GLU A 54 14.85 19.25 14.04
C GLU A 54 14.72 20.48 13.12
N ASN A 55 15.86 21.06 12.75
CA ASN A 55 15.95 22.11 11.70
C ASN A 55 15.12 23.39 12.00
N GLY A 56 14.92 23.66 13.29
CA GLY A 56 14.23 24.85 13.80
C GLY A 56 12.73 24.77 14.01
N VAL A 57 12.16 23.56 13.88
CA VAL A 57 10.75 23.46 13.68
C VAL A 57 10.17 23.05 14.99
N LEU A 58 9.26 23.89 15.47
CA LEU A 58 8.38 23.55 16.58
C LEU A 58 7.01 23.22 16.01
N GLN A 59 6.48 22.07 16.37
CA GLN A 59 5.31 21.58 15.63
C GLN A 59 4.13 21.39 16.56
N ILE A 60 2.95 21.88 16.14
CA ILE A 60 1.80 21.83 17.04
C ILE A 60 0.70 21.06 16.36
N ARG A 61 0.29 19.96 17.01
CA ARG A 61 -0.71 19.03 16.44
C ARG A 61 -2.06 19.25 17.14
N TYR A 62 -3.14 18.75 16.53
CA TYR A 62 -4.46 18.84 17.11
C TYR A 62 -4.81 20.29 17.54
N ALA A 63 -4.61 21.25 16.61
CA ALA A 63 -4.82 22.67 16.90
C ALA A 63 -6.15 22.93 17.61
N LYS A 64 -6.11 23.69 18.70
CA LYS A 64 -7.30 24.22 19.37
C LYS A 64 -7.46 25.71 19.08
N LEU A 65 -8.68 26.19 19.27
CA LEU A 65 -8.98 27.62 19.15
C LEU A 65 -8.05 28.43 20.04
N GLY A 66 -7.87 28.00 21.29
CA GLY A 66 -6.93 28.69 22.18
C GLY A 66 -5.44 28.60 21.89
N ASP A 67 -5.04 27.98 20.79
CA ASP A 67 -3.69 28.15 20.28
C ASP A 67 -3.56 29.42 19.45
N THR A 68 -4.67 30.11 19.13
CA THR A 68 -4.61 31.41 18.45
C THR A 68 -3.77 32.41 19.30
N GLY A 69 -2.95 33.21 18.63
CA GLY A 69 -2.18 34.22 19.31
C GLY A 69 -0.89 34.48 18.62
N ARG A 70 0.04 35.12 19.33
CA ARG A 70 1.29 35.58 18.75
C ARG A 70 2.36 34.69 19.27
N TYR A 71 3.18 34.15 18.37
CA TYR A 71 4.28 33.27 18.76
C TYR A 71 5.54 33.95 18.35
N THR A 72 6.45 34.05 19.32
CA THR A 72 7.74 34.69 19.15
C THR A 72 8.94 33.76 19.38
N CYS A 73 9.79 33.70 18.35
CA CYS A 73 11.14 33.16 18.40
C CYS A 73 12.06 34.22 19.01
N ILE A 74 12.73 33.93 20.13
CA ILE A 74 13.75 34.80 20.77
C ILE A 74 15.05 34.02 20.68
N ALA A 75 16.02 34.51 19.92
CA ALA A 75 17.39 33.97 19.87
C ALA A 75 18.35 34.78 20.76
N SER A 76 19.00 34.17 21.76
CA SER A 76 19.85 34.91 22.74
C SER A 76 21.35 34.60 22.70
N THR A 77 22.14 35.40 23.42
CA THR A 77 23.61 35.49 23.26
C THR A 77 23.89 36.44 24.38
N PRO A 78 24.85 36.12 25.26
CA PRO A 78 25.25 37.06 26.34
C PRO A 78 25.40 38.56 25.91
N SER A 79 25.74 38.79 24.64
CA SER A 79 25.83 40.11 23.99
C SER A 79 24.65 40.64 23.06
N GLY A 80 23.47 40.03 23.11
CA GLY A 80 22.43 40.46 22.17
C GLY A 80 21.25 39.56 22.08
N GLU A 81 20.17 40.06 21.49
CA GLU A 81 18.97 39.26 21.27
C GLU A 81 18.34 39.61 19.93
N ALA A 82 17.66 38.63 19.35
CA ALA A 82 16.76 38.84 18.21
C ALA A 82 15.46 38.13 18.43
N THR A 83 14.46 38.67 17.78
CA THR A 83 13.12 38.24 17.99
C THR A 83 12.43 38.26 16.61
N TRP A 84 11.49 37.35 16.40
CA TRP A 84 10.74 37.23 15.14
C TRP A 84 9.46 36.50 15.52
N SER A 85 8.35 37.16 15.26
CA SER A 85 7.09 36.64 15.71
C SER A 85 6.15 36.45 14.53
N ALA A 86 5.12 35.67 14.79
CA ALA A 86 4.03 35.48 13.87
C ALA A 86 2.74 35.32 14.62
N TYR A 87 1.65 35.62 13.90
CA TYR A 87 0.29 35.52 14.41
C TYR A 87 -0.35 34.33 13.76
N ILE A 88 -0.89 33.45 14.60
CA ILE A 88 -1.49 32.17 14.20
C ILE A 88 -2.95 32.25 14.53
N GLU A 89 -3.81 32.13 13.53
CA GLU A 89 -5.24 32.07 13.79
C GLU A 89 -5.84 30.68 13.55
N VAL A 90 -6.25 30.04 14.65
CA VAL A 90 -6.89 28.76 14.60
C VAL A 90 -8.39 28.94 14.57
N GLN A 91 -9.08 28.31 13.63
CA GLN A 91 -10.53 28.44 13.56
C GLN A 91 -11.18 27.23 12.91
N ASP B 1 -2.36 23.60 0.93
CA ASP B 1 -1.84 22.21 0.94
C ASP B 1 -0.45 22.13 0.30
N ILE B 2 0.43 21.33 0.92
CA ILE B 2 1.74 20.99 0.35
C ILE B 2 1.59 19.80 -0.55
N GLN B 3 2.07 20.02 -1.77
CA GLN B 3 2.15 19.03 -2.83
C GLN B 3 3.51 18.33 -2.83
N MET B 4 3.50 17.00 -2.61
CA MET B 4 4.69 16.17 -2.76
C MET B 4 4.72 15.62 -4.15
N THR B 5 5.86 15.70 -4.85
CA THR B 5 5.93 15.05 -6.18
C THR B 5 7.16 14.18 -6.14
N GLN B 6 7.01 12.94 -6.57
CA GLN B 6 8.01 11.92 -6.35
C GLN B 6 8.57 11.42 -7.64
N SER B 7 9.83 10.99 -7.60
CA SER B 7 10.51 10.55 -8.84
C SER B 7 11.54 9.48 -8.65
N PRO B 8 11.71 8.61 -9.65
CA PRO B 8 10.79 8.34 -10.77
C PRO B 8 9.59 7.50 -10.38
N ALA B 9 8.62 7.43 -11.28
CA ALA B 9 7.43 6.62 -11.05
C ALA B 9 7.81 5.18 -10.89
N SER B 10 8.79 4.81 -11.68
CA SER B 10 9.28 3.42 -11.71
C SER B 10 10.73 3.43 -12.10
N LEU B 11 11.45 2.41 -11.70
CA LEU B 11 12.89 2.41 -11.81
C LEU B 11 13.37 0.96 -11.72
N SER B 12 14.41 0.59 -12.49
CA SER B 12 15.07 -0.70 -12.32
C SER B 12 16.56 -0.66 -12.40
N ALA B 13 17.16 -1.55 -11.64
CA ALA B 13 18.59 -1.61 -11.55
C ALA B 13 19.00 -2.99 -11.22
N SER B 14 20.27 -3.21 -11.28
CA SER B 14 20.76 -4.56 -11.11
C SER B 14 21.14 -4.79 -9.69
N VAL B 15 21.18 -6.03 -9.29
CA VAL B 15 21.67 -6.38 -7.97
C VAL B 15 22.98 -5.72 -7.70
N GLY B 16 23.18 -5.18 -6.51
CA GLY B 16 24.43 -4.52 -6.20
C GLY B 16 24.59 -3.06 -6.59
N GLU B 17 23.70 -2.54 -7.43
CA GLU B 17 23.65 -1.13 -7.74
C GLU B 17 23.21 -0.29 -6.53
N THR B 18 23.42 1.01 -6.68
CA THR B 18 23.06 2.00 -5.73
C THR B 18 22.04 2.85 -6.49
N VAL B 19 20.88 3.08 -5.90
CA VAL B 19 19.81 3.80 -6.55
C VAL B 19 19.25 4.91 -5.66
N THR B 20 18.69 5.94 -6.29
CA THR B 20 18.22 7.14 -5.63
C THR B 20 16.81 7.47 -6.04
N ILE B 21 15.97 7.74 -5.06
CA ILE B 21 14.59 8.15 -5.27
C ILE B 21 14.42 9.54 -4.66
N THR B 22 13.73 10.40 -5.40
CA THR B 22 13.58 11.79 -5.00
C THR B 22 12.13 12.23 -4.73
N CYS B 23 12.07 13.21 -3.88
CA CYS B 23 10.82 13.74 -3.43
C CYS B 23 10.96 15.25 -3.46
N GLY B 24 10.09 15.93 -4.18
CA GLY B 24 10.05 17.39 -4.18
C GLY B 24 8.81 17.95 -3.53
N ALA B 25 8.99 18.86 -2.58
CA ALA B 25 7.86 19.53 -1.95
C ALA B 25 7.59 20.90 -2.58
N SER B 26 6.35 21.37 -2.40
CA SER B 26 5.89 22.59 -3.06
C SER B 26 6.41 23.77 -2.24
N GLU B 27 6.91 23.49 -1.04
CA GLU B 27 7.58 24.47 -0.23
C GLU B 27 8.54 23.82 0.75
N ASN B 28 9.38 24.65 1.36
CA ASN B 28 10.32 24.19 2.35
C ASN B 28 9.58 23.38 3.47
N ILE B 29 10.03 22.15 3.70
CA ILE B 29 9.45 21.33 4.77
C ILE B 29 10.44 20.98 5.87
N TYR B 30 11.63 21.62 5.85
CA TYR B 30 12.49 21.58 6.97
C TYR B 30 12.78 20.14 7.46
N GLY B 31 12.96 19.19 6.55
CA GLY B 31 13.31 17.80 6.94
C GLY B 31 12.20 16.99 7.58
N ALA B 32 10.99 17.56 7.58
CA ALA B 32 9.83 16.98 8.16
C ALA B 32 9.17 16.10 7.11
N LEU B 33 9.91 15.02 6.80
CA LEU B 33 9.55 14.07 5.77
C LEU B 33 9.88 12.63 6.19
N THR B 34 9.13 11.71 5.65
CA THR B 34 9.18 10.37 6.11
C THR B 34 9.22 9.49 4.81
N TRP B 35 9.90 8.32 4.81
CA TRP B 35 9.81 7.40 3.67
C TRP B 35 9.27 6.02 4.05
N TYR B 36 8.43 5.47 3.21
CA TYR B 36 7.80 4.17 3.50
C TYR B 36 8.17 3.19 2.41
N GLN B 37 8.35 1.90 2.78
CA GLN B 37 8.47 0.82 1.81
C GLN B 37 7.27 -0.08 1.83
N ARG B 38 6.66 -0.32 0.68
CA ARG B 38 5.55 -1.27 0.55
CA ARG B 38 5.57 -1.27 0.56
C ARG B 38 5.84 -2.38 -0.44
N LYS B 39 6.07 -3.57 0.09
CA LYS B 39 6.21 -4.81 -0.73
C LYS B 39 4.89 -5.40 -1.11
N GLN B 40 4.80 -6.00 -2.30
CA GLN B 40 3.60 -6.78 -2.76
C GLN B 40 3.21 -7.75 -1.65
N GLY B 41 1.93 -7.75 -1.32
CA GLY B 41 1.44 -8.57 -0.25
C GLY B 41 1.89 -8.24 1.15
N LYS B 42 2.47 -7.06 1.38
CA LYS B 42 2.72 -6.65 2.75
C LYS B 42 2.20 -5.24 3.00
N SER B 43 2.32 -4.82 4.25
CA SER B 43 1.77 -3.54 4.64
C SER B 43 2.94 -2.57 4.58
N PRO B 44 2.69 -1.24 4.54
CA PRO B 44 3.86 -0.42 4.37
C PRO B 44 4.70 -0.46 5.60
N GLN B 45 6.00 -0.23 5.48
CA GLN B 45 6.87 -0.01 6.65
C GLN B 45 7.73 1.21 6.58
N LEU B 46 8.03 1.71 7.76
CA LEU B 46 8.65 2.96 7.94
C LEU B 46 10.10 2.70 7.71
N LEU B 47 10.73 3.58 6.93
CA LEU B 47 12.14 3.47 6.62
C LEU B 47 12.99 4.66 7.14
N ILE B 48 12.46 5.87 6.92
CA ILE B 48 13.17 7.05 7.26
C ILE B 48 12.16 7.98 7.83
N TYR B 49 12.59 8.77 8.83
CA TYR B 49 11.77 9.82 9.44
C TYR B 49 12.63 11.02 9.65
N GLY B 50 12.06 12.21 9.56
CA GLY B 50 12.83 13.43 9.70
C GLY B 50 13.86 13.64 8.59
N ALA B 51 13.59 13.14 7.39
CA ALA B 51 14.51 13.14 6.22
C ALA B 51 15.76 12.29 6.28
N ILE B 52 16.40 12.16 7.45
CA ILE B 52 17.72 11.54 7.54
C ILE B 52 17.84 10.46 8.61
N ASN B 53 16.83 10.21 9.42
CA ASN B 53 16.99 9.17 10.47
C ASN B 53 16.50 7.81 10.04
N LEU B 54 17.41 6.85 9.92
CA LEU B 54 17.01 5.52 9.52
C LEU B 54 16.28 4.88 10.74
N ALA B 55 15.29 4.06 10.46
CA ALA B 55 14.44 3.51 11.53
C ALA B 55 15.27 2.50 12.26
N ASP B 56 15.01 2.32 13.55
CA ASP B 56 15.79 1.41 14.37
C ASP B 56 16.01 0.08 13.68
N ASP B 57 15.00 -0.38 12.99
CA ASP B 57 14.97 -1.80 12.59
C ASP B 57 15.10 -2.03 11.08
N LYS B 58 15.65 -1.08 10.32
CA LYS B 58 15.95 -1.32 8.89
C LYS B 58 17.38 -1.23 8.62
N SER B 59 17.68 -1.71 7.42
CA SER B 59 19.02 -1.84 6.90
C SER B 59 19.67 -0.49 6.67
N SER B 60 20.95 -0.44 7.02
CA SER B 60 21.87 0.65 6.82
C SER B 60 22.19 0.83 5.34
N ARG B 61 21.65 -0.02 4.48
CA ARG B 61 21.64 0.26 3.04
C ARG B 61 20.73 1.44 2.66
N PHE B 62 19.79 1.74 3.54
CA PHE B 62 18.90 2.83 3.35
C PHE B 62 19.45 4.05 4.02
N SER B 63 19.34 5.15 3.28
CA SER B 63 19.82 6.40 3.80
C SER B 63 19.02 7.53 3.12
N GLY B 64 18.79 8.60 3.83
CA GLY B 64 17.81 9.62 3.37
C GLY B 64 18.56 10.91 3.43
N SER B 65 18.41 11.83 2.48
CA SER B 65 19.09 13.11 2.59
C SER B 65 18.19 14.23 2.12
N GLY B 66 18.64 15.45 2.40
CA GLY B 66 18.08 16.67 1.81
C GLY B 66 17.61 17.64 2.87
N SER B 67 17.21 18.82 2.38
CA SER B 67 16.70 19.93 3.14
C SER B 67 15.79 20.75 2.19
N GLY B 68 15.19 21.82 2.67
CA GLY B 68 14.49 22.74 1.74
C GLY B 68 13.32 22.01 1.16
N ARG B 69 13.13 22.08 -0.16
CA ARG B 69 12.06 21.33 -0.84
C ARG B 69 12.49 19.97 -1.45
N GLN B 70 13.76 19.67 -1.45
CA GLN B 70 14.25 18.55 -2.24
C GLN B 70 14.82 17.44 -1.37
N TYR B 71 14.29 16.22 -1.51
CA TYR B 71 14.73 15.09 -0.66
C TYR B 71 15.07 13.80 -1.45
N SER B 72 15.98 12.98 -0.89
CA SER B 72 16.40 11.75 -1.53
C SER B 72 16.44 10.54 -0.58
N LEU B 73 15.88 9.42 -1.02
CA LEU B 73 16.13 8.12 -0.50
C LEU B 73 17.14 7.40 -1.43
N LYS B 74 18.28 7.01 -0.83
CA LYS B 74 19.34 6.20 -1.46
C LYS B 74 19.32 4.75 -0.94
N ILE B 75 19.30 3.78 -1.86
CA ILE B 75 19.41 2.35 -1.53
C ILE B 75 20.69 1.87 -2.16
N SER B 76 21.70 1.68 -1.33
CA SER B 76 22.99 1.18 -1.80
C SER B 76 22.92 -0.34 -1.87
N SER B 77 23.68 -0.90 -2.82
CA SER B 77 23.90 -2.32 -2.91
C SER B 77 22.56 -3.05 -2.90
N LEU B 78 21.88 -2.85 -4.00
CA LEU B 78 20.57 -3.36 -4.12
C LEU B 78 20.48 -4.91 -3.99
N HIS B 79 19.49 -5.35 -3.24
CA HIS B 79 19.11 -6.76 -3.11
C HIS B 79 17.80 -7.08 -3.89
N PRO B 80 17.63 -8.32 -4.34
CA PRO B 80 16.35 -8.73 -4.92
C PRO B 80 15.09 -8.44 -4.07
N ASP B 81 15.23 -8.55 -2.75
CA ASP B 81 14.14 -8.34 -1.82
C ASP B 81 13.75 -6.87 -1.66
N ASP B 82 14.57 -5.99 -2.20
CA ASP B 82 14.24 -4.55 -2.26
C ASP B 82 13.12 -4.16 -3.14
N VAL B 83 12.72 -5.06 -3.99
CA VAL B 83 11.59 -4.84 -4.90
C VAL B 83 10.30 -4.55 -4.14
N ALA B 84 9.69 -3.40 -4.42
CA ALA B 84 8.73 -2.71 -3.55
C ALA B 84 8.29 -1.37 -4.19
N THR B 85 7.27 -0.76 -3.59
CA THR B 85 6.89 0.62 -3.91
C THR B 85 7.27 1.48 -2.73
N TYR B 86 7.94 2.59 -3.08
CA TYR B 86 8.50 3.54 -2.13
C TYR B 86 7.68 4.83 -2.09
N TYR B 87 7.28 5.24 -0.88
CA TYR B 87 6.57 6.51 -0.71
C TYR B 87 7.17 7.54 0.21
N CYS B 88 7.12 8.83 -0.18
CA CYS B 88 7.45 9.89 0.81
C CYS B 88 6.14 10.50 1.36
N GLN B 89 6.24 11.13 2.51
CA GLN B 89 5.13 11.84 3.06
C GLN B 89 5.61 13.14 3.71
N ASN B 90 4.86 14.18 3.42
CA ASN B 90 5.00 15.41 4.17
C ASN B 90 4.40 15.25 5.53
N VAL B 91 5.13 15.60 6.57
CA VAL B 91 4.61 15.57 7.95
C VAL B 91 4.93 16.85 8.66
N LEU B 92 4.94 17.98 7.89
CA LEU B 92 5.27 19.31 8.46
C LEU B 92 3.95 19.86 8.98
N SER B 93 3.01 20.09 8.09
CA SER B 93 1.67 20.53 8.41
C SER B 93 0.60 19.79 7.55
N THR B 94 -0.62 19.72 8.10
CA THR B 94 -1.75 19.09 7.41
C THR B 94 -2.34 19.82 6.24
N PRO B 95 -2.94 19.09 5.32
CA PRO B 95 -2.95 17.61 5.23
C PRO B 95 -1.55 17.00 4.94
N PHE B 96 -1.25 15.90 5.65
CA PHE B 96 0.00 15.18 5.49
C PHE B 96 -0.03 14.33 4.25
N THR B 97 0.26 15.01 3.14
CA THR B 97 0.11 14.46 1.84
C THR B 97 1.30 13.48 1.49
N PHE B 98 1.00 12.35 0.84
CA PHE B 98 2.05 11.46 0.34
C PHE B 98 2.49 11.79 -1.08
N GLY B 99 3.74 11.47 -1.39
CA GLY B 99 4.15 11.24 -2.83
C GLY B 99 3.41 10.08 -3.48
N SER B 100 3.37 10.03 -4.80
CA SER B 100 2.53 9.09 -5.44
C SER B 100 3.24 7.75 -5.61
N GLY B 101 4.50 7.60 -5.22
CA GLY B 101 5.18 6.31 -5.31
C GLY B 101 6.22 6.05 -6.41
N THR B 102 7.23 5.27 -6.07
CA THR B 102 8.23 4.77 -7.04
C THR B 102 8.20 3.26 -6.88
N LYS B 103 7.89 2.53 -7.97
CA LYS B 103 8.05 1.10 -8.02
C LYS B 103 9.46 0.82 -8.43
N LEU B 104 10.17 0.11 -7.55
CA LEU B 104 11.50 -0.39 -7.86
C LEU B 104 11.47 -1.80 -8.37
N GLU B 105 12.10 -2.00 -9.51
CA GLU B 105 12.26 -3.33 -10.12
C GLU B 105 13.71 -3.69 -10.19
N ILE B 106 13.98 -4.99 -10.22
CA ILE B 106 15.34 -5.49 -10.36
C ILE B 106 15.57 -5.96 -11.79
N LYS B 107 16.71 -5.61 -12.36
CA LYS B 107 17.21 -6.30 -13.57
C LYS B 107 17.92 -7.60 -13.16
N ARG B 108 17.57 -8.67 -13.86
CA ARG B 108 18.24 -9.95 -13.78
C ARG B 108 18.34 -10.49 -15.19
N ALA B 109 18.93 -11.67 -15.32
CA ALA B 109 19.10 -12.31 -16.63
C ALA B 109 17.77 -12.71 -17.25
N ASP B 110 17.66 -12.57 -18.55
CA ASP B 110 16.49 -13.06 -19.27
C ASP B 110 16.21 -14.54 -18.91
N ALA B 111 14.93 -14.88 -18.74
CA ALA B 111 14.44 -16.23 -18.51
C ALA B 111 13.07 -16.39 -19.18
N ALA B 112 12.87 -17.53 -19.77
CA ALA B 112 11.64 -17.81 -20.47
C ALA B 112 10.60 -18.42 -19.51
N PRO B 113 9.31 -18.26 -19.87
CA PRO B 113 8.22 -18.70 -19.01
C PRO B 113 7.99 -20.14 -19.21
N THR B 114 7.68 -20.86 -18.16
CA THR B 114 7.23 -22.20 -18.33
C THR B 114 5.68 -22.18 -18.22
N VAL B 115 5.04 -22.78 -19.23
CA VAL B 115 3.63 -22.61 -19.49
C VAL B 115 2.89 -23.84 -19.02
N SER B 116 1.72 -23.66 -18.39
CA SER B 116 0.82 -24.75 -18.08
C SER B 116 -0.58 -24.38 -18.53
N ILE B 117 -1.17 -25.21 -19.38
CA ILE B 117 -2.56 -25.07 -19.78
C ILE B 117 -3.44 -25.98 -18.93
N PHE B 118 -4.66 -25.49 -18.69
CA PHE B 118 -5.70 -26.18 -17.91
C PHE B 118 -7.06 -26.07 -18.59
N PRO B 119 -7.66 -27.24 -18.90
CA PRO B 119 -8.99 -27.22 -19.48
C PRO B 119 -10.03 -26.82 -18.42
N PRO B 120 -11.20 -26.27 -18.85
CA PRO B 120 -12.31 -26.04 -17.89
C PRO B 120 -12.70 -27.30 -17.16
N SER B 121 -12.83 -27.20 -15.83
CA SER B 121 -13.06 -28.33 -14.93
C SER B 121 -14.47 -28.86 -15.08
N SER B 122 -14.64 -30.11 -14.62
CA SER B 122 -15.95 -30.80 -14.58
C SER B 122 -16.97 -29.89 -13.94
N GLU B 123 -16.56 -29.25 -12.84
CA GLU B 123 -17.42 -28.40 -12.05
C GLU B 123 -17.89 -27.20 -12.86
N GLN B 124 -16.98 -26.41 -13.46
CA GLN B 124 -17.37 -25.20 -14.20
C GLN B 124 -18.34 -25.54 -15.37
N LEU B 125 -17.99 -26.58 -16.11
CA LEU B 125 -18.86 -27.17 -17.11
C LEU B 125 -20.28 -27.49 -16.56
N THR B 126 -20.41 -28.00 -15.32
CA THR B 126 -21.72 -28.04 -14.58
C THR B 126 -22.55 -26.77 -14.79
N SER B 127 -22.03 -25.63 -14.32
CA SER B 127 -22.73 -24.33 -14.40
C SER B 127 -22.91 -23.69 -15.80
N GLY B 128 -22.46 -24.34 -16.86
CA GLY B 128 -22.63 -23.80 -18.20
C GLY B 128 -21.77 -22.60 -18.55
N GLY B 129 -20.54 -22.56 -18.03
CA GLY B 129 -19.50 -21.61 -18.43
C GLY B 129 -18.26 -22.42 -18.82
N ALA B 130 -17.40 -21.81 -19.59
CA ALA B 130 -16.12 -22.41 -19.94
C ALA B 130 -14.97 -21.38 -19.97
N SER B 131 -14.03 -21.57 -19.05
CA SER B 131 -12.78 -20.83 -19.01
C SER B 131 -11.56 -21.78 -19.19
N VAL B 132 -10.73 -21.40 -20.17
CA VAL B 132 -9.44 -22.06 -20.42
C VAL B 132 -8.33 -21.17 -19.88
N VAL B 133 -7.49 -21.73 -19.03
CA VAL B 133 -6.47 -20.95 -18.36
C VAL B 133 -5.04 -21.47 -18.67
N CYS B 134 -4.24 -20.47 -18.99
CA CYS B 134 -2.86 -20.64 -19.24
C CYS B 134 -2.03 -19.87 -18.18
N PHE B 135 -1.24 -20.60 -17.37
CA PHE B 135 -0.24 -19.98 -16.49
C PHE B 135 1.07 -19.84 -17.23
N LEU B 136 1.67 -18.65 -17.19
CA LEU B 136 2.98 -18.44 -17.78
C LEU B 136 3.88 -18.02 -16.67
N ASN B 137 4.68 -18.94 -16.15
CA ASN B 137 5.41 -18.68 -14.91
C ASN B 137 6.91 -18.35 -14.97
N ASN B 138 7.33 -17.48 -14.05
CA ASN B 138 8.71 -17.18 -13.73
C ASN B 138 9.54 -16.74 -14.92
N PHE B 139 9.15 -15.62 -15.53
CA PHE B 139 9.91 -15.09 -16.67
C PHE B 139 10.47 -13.70 -16.48
N TYR B 140 11.40 -13.31 -17.35
CA TYR B 140 11.97 -11.99 -17.25
C TYR B 140 12.51 -11.65 -18.61
N PRO B 141 12.23 -10.48 -19.17
CA PRO B 141 11.47 -9.33 -18.58
C PRO B 141 9.98 -9.48 -18.69
N LYS B 142 9.28 -8.49 -18.16
CA LYS B 142 7.83 -8.53 -17.99
C LYS B 142 7.07 -8.62 -19.26
N ASP B 143 7.60 -7.98 -20.30
CA ASP B 143 6.95 -7.81 -21.62
C ASP B 143 6.63 -9.17 -22.24
N ILE B 144 5.39 -9.45 -22.60
CA ILE B 144 5.09 -10.77 -23.15
C ILE B 144 3.81 -10.70 -23.88
N ASN B 145 3.64 -11.64 -24.82
CA ASN B 145 2.41 -11.75 -25.60
C ASN B 145 1.84 -13.17 -25.62
N VAL B 146 0.56 -13.27 -25.38
CA VAL B 146 -0.13 -14.52 -25.49
C VAL B 146 -1.17 -14.36 -26.61
N LYS B 147 -1.28 -15.40 -27.41
CA LYS B 147 -2.28 -15.47 -28.46
C LYS B 147 -2.98 -16.77 -28.21
N TRP B 148 -4.32 -16.72 -28.21
CA TRP B 148 -5.13 -17.91 -27.96
C TRP B 148 -5.57 -18.44 -29.29
N LYS B 149 -5.54 -19.75 -29.42
CA LYS B 149 -6.00 -20.38 -30.64
C LYS B 149 -6.98 -21.47 -30.32
N ILE B 150 -8.18 -21.28 -30.88
CA ILE B 150 -9.24 -22.30 -30.92
C ILE B 150 -9.31 -22.84 -32.35
N ASP B 151 -9.20 -24.16 -32.50
CA ASP B 151 -9.29 -24.83 -33.84
C ASP B 151 -8.45 -24.10 -34.89
N GLY B 152 -7.16 -23.96 -34.57
CA GLY B 152 -6.19 -23.32 -35.46
C GLY B 152 -6.23 -21.80 -35.56
N SER B 153 -7.39 -21.16 -35.37
CA SER B 153 -7.45 -19.68 -35.46
C SER B 153 -7.41 -18.93 -34.10
N GLU B 154 -6.57 -17.89 -34.14
CA GLU B 154 -6.48 -16.80 -33.18
C GLU B 154 -7.82 -16.44 -32.58
N ARG B 155 -7.81 -15.97 -31.34
CA ARG B 155 -9.00 -15.40 -30.76
C ARG B 155 -8.56 -14.29 -29.83
N GLN B 156 -9.08 -13.09 -30.02
CA GLN B 156 -8.88 -11.95 -29.08
C GLN B 156 -10.04 -11.62 -28.09
N ASN B 157 -11.23 -12.24 -28.24
CA ASN B 157 -12.44 -11.86 -27.48
C ASN B 157 -12.63 -12.65 -26.17
N GLY B 158 -12.88 -11.92 -25.09
CA GLY B 158 -13.02 -12.55 -23.75
C GLY B 158 -11.77 -13.22 -23.21
N VAL B 159 -10.62 -12.59 -23.46
CA VAL B 159 -9.29 -13.01 -22.99
C VAL B 159 -8.88 -12.05 -21.88
N LEU B 160 -8.60 -12.57 -20.69
CA LEU B 160 -8.18 -11.73 -19.52
C LEU B 160 -6.74 -12.03 -19.12
N ASN B 161 -5.86 -11.03 -19.17
CA ASN B 161 -4.45 -11.25 -18.77
C ASN B 161 -4.11 -10.45 -17.55
N SER B 162 -3.53 -11.10 -16.53
CA SER B 162 -3.05 -10.39 -15.36
C SER B 162 -1.60 -10.87 -15.00
N TRP B 163 -0.71 -9.93 -14.67
CA TRP B 163 0.66 -10.20 -14.24
C TRP B 163 0.79 -9.98 -12.73
N THR B 164 1.71 -10.73 -12.12
CA THR B 164 2.13 -10.54 -10.74
C THR B 164 3.12 -9.41 -10.78
N ASP B 165 3.43 -8.90 -9.59
CA ASP B 165 4.56 -7.99 -9.41
C ASP B 165 5.85 -8.85 -9.36
N GLN B 166 6.98 -8.21 -9.55
CA GLN B 166 8.23 -8.91 -9.59
C GLN B 166 8.51 -9.75 -8.34
N ASP B 167 9.00 -10.96 -8.48
CA ASP B 167 9.20 -11.87 -7.32
C ASP B 167 10.37 -11.38 -6.44
N SER B 168 10.25 -11.53 -5.13
CA SER B 168 11.20 -11.01 -4.18
C SER B 168 12.52 -11.79 -4.01
N LYS B 169 12.52 -12.99 -4.55
CA LYS B 169 13.62 -13.88 -4.43
C LYS B 169 14.29 -14.10 -5.77
N ASP B 170 13.54 -14.48 -6.80
CA ASP B 170 14.15 -14.78 -8.08
C ASP B 170 13.95 -13.74 -9.18
N SER B 171 13.20 -12.70 -8.86
CA SER B 171 13.10 -11.49 -9.72
C SER B 171 12.39 -11.71 -11.02
N THR B 172 11.56 -12.73 -11.06
CA THR B 172 10.75 -13.00 -12.20
C THR B 172 9.32 -12.49 -12.01
N TYR B 173 8.62 -12.49 -13.14
CA TYR B 173 7.23 -12.26 -13.24
C TYR B 173 6.53 -13.56 -13.59
N SER B 174 5.23 -13.57 -13.28
CA SER B 174 4.34 -14.58 -13.82
C SER B 174 3.11 -13.90 -14.31
N MET B 175 2.36 -14.60 -15.16
CA MET B 175 1.17 -14.07 -15.78
C MET B 175 0.11 -15.16 -16.00
N SER B 176 -1.15 -14.76 -15.87
CA SER B 176 -2.31 -15.65 -16.03
C SER B 176 -3.08 -15.10 -17.20
N SER B 177 -3.36 -15.97 -18.15
CA SER B 177 -4.17 -15.65 -19.30
C SER B 177 -5.36 -16.60 -19.24
N THR B 178 -6.56 -16.04 -19.33
CA THR B 178 -7.85 -16.79 -19.23
C THR B 178 -8.74 -16.44 -20.44
N LEU B 179 -9.02 -17.46 -21.24
CA LEU B 179 -9.94 -17.36 -22.36
C LEU B 179 -11.30 -17.79 -21.82
N THR B 180 -12.26 -16.86 -21.83
CA THR B 180 -13.59 -17.06 -21.21
C THR B 180 -14.63 -17.17 -22.34
N LEU B 181 -15.43 -18.22 -22.28
CA LEU B 181 -16.28 -18.62 -23.42
C LEU B 181 -17.59 -19.14 -22.91
N THR B 182 -18.58 -19.23 -23.80
CA THR B 182 -19.79 -20.01 -23.51
C THR B 182 -19.43 -21.50 -23.49
N LYS B 183 -20.11 -22.26 -22.65
CA LYS B 183 -19.90 -23.68 -22.58
C LYS B 183 -20.30 -24.28 -23.93
N ASP B 184 -21.30 -23.66 -24.58
CA ASP B 184 -21.76 -24.15 -25.89
C ASP B 184 -20.67 -24.01 -26.90
N GLU B 185 -20.05 -22.83 -26.97
CA GLU B 185 -18.96 -22.62 -27.93
C GLU B 185 -17.79 -23.56 -27.66
N TYR B 186 -17.40 -23.69 -26.40
CA TYR B 186 -16.40 -24.67 -25.98
C TYR B 186 -16.62 -26.05 -26.65
N GLU B 187 -17.69 -26.77 -26.33
CA GLU B 187 -17.81 -28.14 -26.87
C GLU B 187 -18.08 -28.21 -28.40
N ARG B 188 -18.36 -27.06 -29.03
CA ARG B 188 -18.42 -26.89 -30.50
C ARG B 188 -17.08 -26.57 -31.22
N HIS B 189 -15.94 -26.83 -30.56
CA HIS B 189 -14.58 -26.77 -31.11
C HIS B 189 -13.75 -27.77 -30.22
N ASN B 190 -12.61 -28.29 -30.72
CA ASN B 190 -11.87 -29.45 -30.07
C ASN B 190 -10.38 -29.26 -29.61
N SER B 191 -9.64 -28.41 -30.34
CA SER B 191 -8.26 -28.03 -30.00
C SER B 191 -8.17 -26.64 -29.33
N TYR B 192 -7.41 -26.56 -28.24
CA TYR B 192 -7.20 -25.29 -27.56
C TYR B 192 -5.70 -25.10 -27.28
N THR B 193 -5.18 -23.89 -27.52
CA THR B 193 -3.75 -23.59 -27.23
C THR B 193 -3.41 -22.10 -26.92
N CYS B 194 -2.55 -21.89 -25.92
CA CYS B 194 -1.93 -20.57 -25.69
C CYS B 194 -0.53 -20.57 -26.25
N GLU B 195 -0.16 -19.44 -26.84
CA GLU B 195 1.13 -19.23 -27.46
C GLU B 195 1.81 -18.00 -26.93
N ALA B 196 2.95 -18.20 -26.27
CA ALA B 196 3.59 -17.13 -25.51
C ALA B 196 4.83 -16.68 -26.28
N THR B 197 4.82 -15.46 -26.79
CA THR B 197 5.98 -14.86 -27.39
C THR B 197 6.65 -14.00 -26.34
N HIS B 198 7.93 -14.26 -26.22
CA HIS B 198 8.72 -13.68 -25.21
C HIS B 198 10.06 -13.44 -25.88
N LYS B 199 10.77 -12.44 -25.39
CA LYS B 199 11.92 -11.95 -26.09
C LYS B 199 13.04 -12.97 -26.09
N THR B 200 13.05 -13.85 -25.07
CA THR B 200 13.96 -15.00 -25.00
C THR B 200 14.00 -15.82 -26.30
N SER B 201 12.88 -15.88 -27.05
CA SER B 201 12.79 -16.61 -28.34
C SER B 201 11.93 -15.94 -29.43
N THR B 202 12.38 -16.08 -30.66
CA THR B 202 11.51 -15.81 -31.81
C THR B 202 10.50 -17.02 -31.98
N SER B 203 10.83 -18.22 -31.48
CA SER B 203 9.92 -19.37 -31.42
C SER B 203 8.91 -19.20 -30.22
N PRO B 204 7.59 -19.11 -30.49
CA PRO B 204 6.61 -19.06 -29.39
C PRO B 204 6.42 -20.40 -28.67
N ILE B 205 6.19 -20.33 -27.36
CA ILE B 205 6.09 -21.51 -26.49
C ILE B 205 4.64 -21.87 -26.43
N VAL B 206 4.35 -23.12 -26.81
CA VAL B 206 2.98 -23.54 -27.13
C VAL B 206 2.61 -24.70 -26.23
N LYS B 207 1.47 -24.56 -25.56
CA LYS B 207 0.96 -25.61 -24.69
C LYS B 207 -0.47 -25.86 -25.17
N SER B 208 -0.84 -27.14 -25.29
CA SER B 208 -2.14 -27.52 -25.84
C SER B 208 -2.74 -28.73 -25.19
N PHE B 209 -4.00 -28.98 -25.51
CA PHE B 209 -4.73 -30.14 -25.10
C PHE B 209 -5.93 -30.29 -26.07
N ASN B 210 -6.46 -31.51 -26.15
CA ASN B 210 -7.68 -31.82 -26.92
C ASN B 210 -8.83 -32.45 -26.08
N ARG B 211 -10.08 -32.06 -26.38
CA ARG B 211 -11.31 -32.75 -25.88
C ARG B 211 -11.49 -32.54 -24.39
N GLU C 1 3.55 -10.80 18.42
CA GLU C 1 3.69 -9.93 17.20
C GLU C 1 2.55 -8.90 17.04
N VAL C 2 2.83 -7.65 16.67
CA VAL C 2 1.77 -6.76 16.34
C VAL C 2 0.83 -7.38 15.29
N GLN C 3 -0.48 -7.28 15.56
CA GLN C 3 -1.53 -7.64 14.63
C GLN C 3 -2.63 -6.59 14.56
N LEU C 4 -2.88 -6.14 13.35
CA LEU C 4 -3.96 -5.21 13.11
C LEU C 4 -4.83 -5.85 12.05
N VAL C 5 -6.10 -6.10 12.36
CA VAL C 5 -7.00 -6.74 11.39
C VAL C 5 -8.27 -5.91 11.07
N GLU C 6 -8.29 -5.34 9.86
CA GLU C 6 -9.44 -4.64 9.35
C GLU C 6 -10.57 -5.63 9.03
N SER C 7 -11.80 -5.19 9.32
CA SER C 7 -12.98 -5.80 8.72
C SER C 7 -14.10 -4.79 8.54
N GLY C 8 -15.18 -5.20 7.88
CA GLY C 8 -16.36 -4.35 7.69
C GLY C 8 -16.44 -3.77 6.28
N GLY C 9 -15.41 -3.96 5.45
CA GLY C 9 -15.47 -3.46 4.10
C GLY C 9 -16.43 -4.23 3.23
N GLY C 10 -16.74 -3.69 2.06
CA GLY C 10 -17.63 -4.32 1.11
C GLY C 10 -18.17 -3.31 0.11
N VAL C 11 -19.31 -3.61 -0.52
CA VAL C 11 -20.00 -2.65 -1.41
C VAL C 11 -20.92 -1.77 -0.57
N VAL C 12 -21.02 -0.53 -1.00
CA VAL C 12 -22.04 0.36 -0.47
C VAL C 12 -22.50 1.30 -1.56
N GLN C 13 -23.81 1.54 -1.57
CA GLN C 13 -24.43 2.49 -2.52
C GLN C 13 -23.88 3.87 -2.39
N PRO C 14 -23.70 4.59 -3.53
CA PRO C 14 -23.43 6.05 -3.38
C PRO C 14 -24.45 6.69 -2.43
N GLY C 15 -23.94 7.40 -1.44
CA GLY C 15 -24.75 8.07 -0.43
C GLY C 15 -24.88 7.26 0.82
N GLY C 16 -24.42 6.00 0.76
CA GLY C 16 -24.53 5.05 1.88
C GLY C 16 -23.44 5.20 2.89
N SER C 17 -23.53 4.34 3.89
CA SER C 17 -22.81 4.40 5.09
C SER C 17 -22.13 3.03 5.40
N LEU C 18 -20.91 3.07 5.93
CA LEU C 18 -20.21 1.88 6.42
C LEU C 18 -19.45 2.13 7.70
N LYS C 19 -19.42 1.14 8.62
CA LYS C 19 -18.51 1.17 9.72
C LYS C 19 -17.38 0.13 9.49
N LEU C 20 -16.11 0.57 9.47
CA LEU C 20 -14.94 -0.31 9.50
C LEU C 20 -14.46 -0.58 10.89
N SER C 21 -13.88 -1.75 11.10
CA SER C 21 -13.23 -2.05 12.40
C SER C 21 -11.77 -2.45 12.20
N CYS C 22 -10.99 -2.40 13.27
CA CYS C 22 -9.62 -2.81 13.23
C CYS C 22 -9.38 -3.44 14.57
N ALA C 23 -9.22 -4.76 14.60
CA ALA C 23 -8.94 -5.52 15.83
C ALA C 23 -7.43 -5.55 16.00
N ALA C 24 -6.97 -4.91 17.08
CA ALA C 24 -5.57 -4.73 17.37
C ALA C 24 -5.09 -5.72 18.44
N SER C 25 -3.88 -6.23 18.31
CA SER C 25 -3.37 -7.06 19.40
C SER C 25 -1.84 -7.12 19.34
N GLY C 26 -1.25 -7.62 20.40
CA GLY C 26 0.17 -7.79 20.43
C GLY C 26 1.01 -6.54 20.75
N PHE C 27 0.35 -5.46 21.16
CA PHE C 27 0.99 -4.25 21.67
C PHE C 27 -0.02 -3.62 22.59
N THR C 28 0.36 -2.54 23.29
CA THR C 28 -0.47 -2.00 24.36
C THR C 28 -1.29 -0.88 23.77
N PHE C 29 -2.29 -1.28 22.99
CA PHE C 29 -3.12 -0.45 22.09
C PHE C 29 -3.63 0.88 22.67
N SER C 30 -4.14 0.83 23.92
CA SER C 30 -4.73 2.00 24.61
C SER C 30 -3.73 3.14 24.82
N THR C 31 -2.47 2.81 24.66
CA THR C 31 -1.37 3.70 24.87
C THR C 31 -0.83 4.40 23.53
N TYR C 32 -1.41 4.09 22.36
CA TYR C 32 -0.88 4.57 21.08
C TYR C 32 -1.95 5.31 20.31
N ASP C 33 -1.56 6.41 19.61
CA ASP C 33 -2.40 7.02 18.59
C ASP C 33 -2.49 6.10 17.39
N MET C 34 -3.59 6.21 16.64
CA MET C 34 -3.97 5.30 15.58
C MET C 34 -4.45 6.11 14.38
N SER C 35 -4.12 5.65 13.17
CA SER C 35 -4.52 6.37 11.94
C SER C 35 -5.27 5.38 11.06
N TRP C 36 -6.07 5.90 10.14
CA TRP C 36 -6.62 5.17 9.02
C TRP C 36 -6.09 5.85 7.75
N VAL C 37 -5.61 5.04 6.82
CA VAL C 37 -5.01 5.53 5.57
C VAL C 37 -5.68 4.72 4.55
N ARG C 38 -5.90 5.34 3.39
CA ARG C 38 -6.51 4.63 2.26
C ARG C 38 -5.68 4.70 1.00
N GLN C 39 -5.84 3.66 0.16
CA GLN C 39 -5.09 3.49 -1.07
C GLN C 39 -6.12 3.31 -2.14
N THR C 40 -6.18 4.28 -3.03
CA THR C 40 -7.09 4.25 -4.14
C THR C 40 -6.59 3.33 -5.24
N PRO C 41 -7.42 3.04 -6.26
CA PRO C 41 -6.97 2.08 -7.31
C PRO C 41 -5.70 2.50 -8.08
N ASP C 42 -5.44 3.81 -8.20
CA ASP C 42 -4.19 4.29 -8.83
C ASP C 42 -2.98 4.12 -7.94
N LYS C 43 -3.13 3.44 -6.80
CA LYS C 43 -2.09 3.24 -5.76
C LYS C 43 -1.63 4.46 -4.99
N ARG C 44 -2.29 5.61 -5.14
CA ARG C 44 -2.01 6.74 -4.26
C ARG C 44 -2.49 6.43 -2.86
N LEU C 45 -1.85 7.05 -1.90
CA LEU C 45 -2.24 6.93 -0.52
C LEU C 45 -2.73 8.26 0.07
N GLU C 46 -3.63 8.17 1.05
CA GLU C 46 -4.19 9.37 1.71
C GLU C 46 -4.57 9.05 3.13
N LEU C 47 -4.03 9.83 4.05
CA LEU C 47 -4.39 9.75 5.45
C LEU C 47 -5.78 10.39 5.60
N VAL C 48 -6.69 9.68 6.27
CA VAL C 48 -8.07 10.12 6.38
C VAL C 48 -8.63 10.25 7.78
N ALA C 49 -7.89 9.83 8.79
CA ALA C 49 -8.35 9.91 10.18
C ALA C 49 -7.20 9.63 11.13
N THR C 50 -6.92 10.50 12.09
CA THR C 50 -6.09 10.13 13.22
C THR C 50 -6.88 10.28 14.50
N ILE C 51 -6.50 9.50 15.50
CA ILE C 51 -7.12 9.58 16.78
C ILE C 51 -6.09 9.30 17.86
N ASN C 52 -6.11 10.08 18.92
CA ASN C 52 -5.16 9.88 19.99
C ASN C 52 -5.52 8.70 20.86
N SER C 53 -4.57 8.37 21.73
CA SER C 53 -4.61 7.22 22.61
C SER C 53 -5.93 7.15 23.34
N ASN C 54 -6.33 8.24 24.02
CA ASN C 54 -7.59 8.29 24.76
C ASN C 54 -8.83 8.64 23.94
N GLY C 55 -8.71 8.92 22.68
CA GLY C 55 -9.92 9.24 21.90
C GLY C 55 -10.45 10.67 21.96
N GLY C 56 -9.85 11.50 22.81
CA GLY C 56 -10.27 12.86 23.01
C GLY C 56 -10.00 13.82 21.85
N SER C 57 -9.01 13.51 21.00
CA SER C 57 -8.62 14.32 19.85
C SER C 57 -8.68 13.51 18.56
N THR C 58 -9.32 14.09 17.54
CA THR C 58 -9.47 13.49 16.23
C THR C 58 -9.18 14.48 15.13
N TYR C 59 -8.65 13.99 14.00
CA TYR C 59 -8.33 14.86 12.79
C TYR C 59 -8.82 14.18 11.54
N TYR C 60 -9.32 14.98 10.57
CA TYR C 60 -9.73 14.49 9.32
C TYR C 60 -9.35 15.54 8.29
N PRO C 61 -8.81 15.13 7.17
CA PRO C 61 -8.53 16.15 6.16
C PRO C 61 -9.81 16.64 5.52
N ASP C 62 -9.70 17.68 4.71
CA ASP C 62 -10.89 18.25 4.07
C ASP C 62 -11.70 17.28 3.26
N SER C 63 -11.05 16.40 2.50
CA SER C 63 -11.73 15.40 1.63
C SER C 63 -12.86 14.58 2.29
N VAL C 64 -12.83 14.38 3.60
CA VAL C 64 -13.80 13.52 4.28
C VAL C 64 -14.33 14.12 5.58
N LYS C 65 -13.92 15.33 5.92
CA LYS C 65 -14.38 15.98 7.14
C LYS C 65 -15.92 16.09 7.08
N GLY C 66 -16.63 15.80 8.17
CA GLY C 66 -18.10 15.84 8.18
C GLY C 66 -18.71 14.47 7.91
N ARG C 67 -18.10 13.76 6.97
CA ARG C 67 -18.55 12.47 6.53
C ARG C 67 -17.94 11.26 7.27
N PHE C 68 -16.71 11.39 7.83
CA PHE C 68 -16.00 10.27 8.48
C PHE C 68 -15.80 10.58 9.95
N THR C 69 -16.00 9.58 10.80
CA THR C 69 -15.81 9.69 12.25
C THR C 69 -15.05 8.50 12.83
N SER C 70 -13.99 8.77 13.58
CA SER C 70 -13.17 7.70 14.17
C SER C 70 -13.45 7.48 15.66
N SER C 71 -13.35 6.25 16.15
CA SER C 71 -13.56 6.02 17.56
C SER C 71 -12.70 4.86 17.96
N ARG C 72 -12.65 4.55 19.25
CA ARG C 72 -11.87 3.40 19.69
C ARG C 72 -12.43 2.92 20.97
N ASP C 73 -12.25 1.64 21.21
CA ASP C 73 -12.72 1.01 22.37
C ASP C 73 -11.43 0.52 22.96
N ASN C 74 -10.99 1.11 24.05
CA ASN C 74 -9.70 0.76 24.65
C ASN C 74 -9.75 -0.46 25.59
N ALA C 75 -10.94 -1.02 25.84
CA ALA C 75 -11.06 -2.27 26.62
C ALA C 75 -10.95 -3.46 25.67
N LYS C 76 -11.73 -3.39 24.60
CA LYS C 76 -11.75 -4.45 23.58
C LYS C 76 -10.59 -4.34 22.59
N ASN C 77 -9.90 -3.18 22.57
CA ASN C 77 -8.81 -2.90 21.61
C ASN C 77 -9.21 -2.97 20.15
N ILE C 78 -10.19 -2.14 19.83
CA ILE C 78 -10.72 -2.06 18.52
C ILE C 78 -10.80 -0.59 18.08
N LEU C 79 -10.40 -0.32 16.84
CA LEU C 79 -10.53 1.02 16.29
C LEU C 79 -11.62 1.00 15.32
N TYR C 80 -12.34 2.13 15.17
CA TYR C 80 -13.43 2.23 14.24
C TYR C 80 -13.25 3.40 13.28
N LEU C 81 -13.81 3.22 12.10
CA LEU C 81 -14.10 4.28 11.18
C LEU C 81 -15.55 4.17 10.57
N GLN C 82 -16.40 5.11 10.98
CA GLN C 82 -17.77 5.24 10.50
C GLN C 82 -17.66 6.17 9.30
N MET C 83 -18.17 5.74 8.17
CA MET C 83 -18.15 6.56 6.95
C MET C 83 -19.56 6.80 6.45
N SER C 84 -19.82 7.96 5.88
CA SER C 84 -21.12 8.20 5.30
C SER C 84 -21.07 9.17 4.17
N SER C 85 -22.16 9.23 3.39
CA SER C 85 -22.23 10.03 2.20
C SER C 85 -21.09 9.66 1.31
N LEU C 86 -20.97 8.37 1.01
CA LEU C 86 -19.83 7.84 0.27
C LEU C 86 -19.96 8.10 -1.19
N LYS C 87 -18.84 8.23 -1.84
CA LYS C 87 -18.81 8.58 -3.25
C LYS C 87 -17.74 7.76 -3.90
N SER C 88 -17.69 7.77 -5.21
CA SER C 88 -16.70 7.00 -5.92
C SER C 88 -15.24 7.28 -5.43
N GLU C 89 -14.84 8.53 -5.22
CA GLU C 89 -13.48 8.84 -4.74
C GLU C 89 -13.11 8.16 -3.41
N ASP C 90 -14.07 7.67 -2.64
CA ASP C 90 -13.78 6.99 -1.42
C ASP C 90 -13.55 5.51 -1.67
N THR C 91 -13.79 5.04 -2.90
CA THR C 91 -13.58 3.69 -3.27
C THR C 91 -12.06 3.41 -3.08
N ALA C 92 -11.70 2.50 -2.19
CA ALA C 92 -10.30 2.32 -1.85
C ALA C 92 -10.10 1.15 -0.94
N MET C 93 -8.84 0.82 -0.74
CA MET C 93 -8.44 -0.08 0.39
C MET C 93 -8.13 0.72 1.62
N TYR C 94 -8.63 0.25 2.78
CA TYR C 94 -8.55 1.07 4.01
C TYR C 94 -7.65 0.33 5.02
N TYR C 95 -6.60 1.02 5.54
CA TYR C 95 -5.69 0.47 6.46
C TYR C 95 -5.75 1.22 7.75
N CYS C 96 -5.71 0.44 8.83
N CYS C 96 -5.82 0.48 8.87
CA CYS C 96 -5.53 0.91 10.17
CA CYS C 96 -5.53 1.05 10.17
C CYS C 96 -4.04 0.80 10.50
C CYS C 96 -4.05 0.87 10.42
N ALA C 97 -3.49 1.76 11.22
CA ALA C 97 -2.06 1.81 11.45
C ALA C 97 -1.76 2.44 12.80
N ARG C 98 -0.65 1.99 13.40
CA ARG C 98 -0.22 2.49 14.69
C ARG C 98 0.75 3.67 14.44
N GLU C 99 0.66 4.68 15.26
CA GLU C 99 1.49 5.81 15.17
C GLU C 99 2.68 5.45 16.04
N ALA C 100 3.86 5.59 15.44
CA ALA C 100 5.09 5.38 16.15
C ALA C 100 5.35 6.46 17.15
N LEU C 101 6.17 6.11 18.13
CA LEU C 101 6.80 7.10 18.99
C LEU C 101 8.24 7.12 18.58
N LEU C 102 8.67 8.26 18.09
CA LEU C 102 10.00 8.44 17.59
C LEU C 102 10.70 9.59 18.29
N ARG C 103 12.04 9.56 18.24
CA ARG C 103 12.86 10.62 18.76
C ARG C 103 13.72 11.16 17.63
N PRO C 104 13.54 12.39 17.22
CA PRO C 104 12.42 13.25 17.60
C PRO C 104 11.06 12.75 17.13
N PRO C 105 9.99 13.32 17.68
CA PRO C 105 8.67 12.76 17.53
C PRO C 105 7.97 13.24 16.29
N TYR C 106 8.56 12.94 15.16
CA TYR C 106 7.86 13.05 13.91
C TYR C 106 6.67 12.15 13.87
N TYR C 107 5.63 12.58 13.14
CA TYR C 107 4.49 11.71 12.86
C TYR C 107 4.84 10.59 11.86
N ALA C 108 4.62 9.34 12.25
CA ALA C 108 4.86 8.20 11.35
C ALA C 108 4.12 6.95 11.82
N LEU C 109 3.91 6.03 10.89
CA LEU C 109 3.11 4.84 11.03
C LEU C 109 4.01 3.62 10.86
N ASP C 110 4.20 2.88 11.95
CA ASP C 110 5.18 1.85 12.01
C ASP C 110 4.65 0.43 11.87
N TYR C 111 3.35 0.23 12.10
CA TYR C 111 2.65 -0.94 11.74
C TYR C 111 1.30 -0.64 11.11
N TRP C 112 1.03 -1.38 10.06
CA TRP C 112 -0.21 -1.27 9.36
C TRP C 112 -0.86 -2.64 9.23
N GLY C 113 -2.19 -2.69 9.30
CA GLY C 113 -2.92 -3.83 8.75
C GLY C 113 -2.85 -4.19 7.30
N GLN C 114 -3.50 -5.28 7.03
CA GLN C 114 -3.58 -5.74 5.66
C GLN C 114 -4.63 -5.04 4.82
N GLY C 115 -5.65 -4.46 5.45
CA GLY C 115 -6.59 -3.61 4.75
C GLY C 115 -7.92 -4.31 4.54
N THR C 116 -8.97 -3.51 4.38
CA THR C 116 -10.31 -4.00 4.03
C THR C 116 -10.75 -3.10 2.88
N SER C 117 -11.39 -3.70 1.89
CA SER C 117 -11.71 -2.99 0.62
C SER C 117 -13.16 -2.38 0.70
N VAL C 118 -13.27 -1.13 0.24
CA VAL C 118 -14.53 -0.42 0.15
C VAL C 118 -14.75 -0.03 -1.28
N THR C 119 -15.85 -0.52 -1.80
CA THR C 119 -16.24 -0.25 -3.14
C THR C 119 -17.58 0.48 -3.11
N VAL C 120 -17.62 1.65 -3.74
CA VAL C 120 -18.84 2.44 -3.68
C VAL C 120 -19.59 2.16 -4.94
N SER C 121 -20.73 1.49 -4.81
CA SER C 121 -21.41 1.00 -5.99
C SER C 121 -22.82 0.52 -5.73
N SER C 122 -23.57 0.49 -6.82
CA SER C 122 -24.96 0.07 -6.82
C SER C 122 -25.10 -1.43 -6.91
N ALA C 123 -24.08 -2.09 -7.46
CA ALA C 123 -24.10 -3.52 -7.68
C ALA C 123 -24.08 -4.28 -6.38
N LYS C 124 -24.36 -5.54 -6.51
CA LYS C 124 -24.76 -6.36 -5.40
C LYS C 124 -23.57 -7.29 -5.05
N THR C 125 -23.53 -7.76 -3.82
CA THR C 125 -22.45 -8.59 -3.37
C THR C 125 -22.62 -10.00 -3.85
N THR C 126 -21.60 -10.55 -4.52
CA THR C 126 -21.68 -11.90 -5.05
C THR C 126 -20.44 -12.73 -4.64
N PRO C 127 -20.66 -13.84 -3.91
CA PRO C 127 -19.52 -14.71 -3.63
C PRO C 127 -18.86 -15.33 -4.90
N PRO C 128 -17.57 -15.75 -4.78
CA PRO C 128 -16.90 -16.34 -5.92
C PRO C 128 -17.26 -17.78 -6.14
N SER C 129 -17.15 -18.20 -7.40
CA SER C 129 -17.03 -19.62 -7.70
C SER C 129 -15.52 -19.98 -7.77
N VAL C 130 -15.17 -21.09 -7.17
CA VAL C 130 -13.80 -21.55 -7.03
C VAL C 130 -13.67 -22.91 -7.67
N TYR C 131 -12.94 -22.95 -8.76
CA TYR C 131 -12.72 -24.15 -9.54
C TYR C 131 -11.25 -24.54 -9.43
N PRO C 132 -10.96 -25.79 -9.05
CA PRO C 132 -9.57 -26.23 -9.09
C PRO C 132 -9.03 -26.50 -10.51
N LEU C 133 -7.76 -26.23 -10.66
CA LEU C 133 -7.05 -26.48 -11.89
C LEU C 133 -6.00 -27.56 -11.60
N ALA C 134 -6.23 -28.74 -12.19
CA ALA C 134 -5.25 -29.83 -12.23
C ALA C 134 -4.97 -30.34 -13.68
N PRO C 135 -3.80 -31.03 -13.88
CA PRO C 135 -3.49 -31.60 -15.19
C PRO C 135 -4.28 -32.93 -15.41
N GLY C 136 -4.34 -33.39 -16.67
CA GLY C 136 -5.07 -34.61 -17.10
C GLY C 136 -4.49 -35.93 -16.63
N THR C 141 3.93 -35.41 -17.30
CA THR C 141 4.35 -34.43 -16.30
C THR C 141 5.88 -34.28 -16.39
N GLY C 142 6.62 -34.13 -15.27
CA GLY C 142 8.07 -33.98 -15.29
C GLY C 142 8.72 -33.29 -14.09
N SER C 143 8.59 -33.90 -12.90
CA SER C 143 9.25 -33.48 -11.62
C SER C 143 8.63 -32.29 -10.91
N SER C 144 8.21 -31.28 -11.67
CA SER C 144 7.44 -30.18 -11.12
C SER C 144 6.02 -30.23 -11.66
N VAL C 145 5.07 -29.98 -10.77
CA VAL C 145 3.66 -29.94 -11.12
C VAL C 145 3.08 -28.63 -10.59
N THR C 146 2.44 -27.92 -11.49
CA THR C 146 1.83 -26.63 -11.24
C THR C 146 0.34 -26.82 -11.11
N LEU C 147 -0.18 -26.47 -9.93
CA LEU C 147 -1.62 -26.53 -9.59
C LEU C 147 -2.21 -25.10 -9.44
N GLY C 148 -3.54 -24.98 -9.47
CA GLY C 148 -4.18 -23.66 -9.38
C GLY C 148 -5.61 -23.71 -8.89
N CYS C 149 -6.15 -22.52 -8.64
CA CYS C 149 -7.59 -22.29 -8.36
C CYS C 149 -8.05 -21.07 -9.13
N LEU C 150 -9.16 -21.23 -9.84
CA LEU C 150 -9.79 -20.14 -10.60
C LEU C 150 -10.88 -19.58 -9.69
N VAL C 151 -10.85 -18.27 -9.48
CA VAL C 151 -11.82 -17.58 -8.62
C VAL C 151 -12.61 -16.63 -9.51
N LYS C 152 -13.82 -17.08 -9.86
CA LYS C 152 -14.62 -16.41 -10.88
C LYS C 152 -15.95 -15.85 -10.38
N GLY C 153 -16.28 -14.70 -10.91
CA GLY C 153 -17.62 -14.11 -10.75
C GLY C 153 -17.98 -13.64 -9.34
N TYR C 154 -17.11 -12.85 -8.74
CA TYR C 154 -17.39 -12.31 -7.45
C TYR C 154 -17.44 -10.86 -7.53
N PHE C 155 -17.93 -10.25 -6.45
CA PHE C 155 -17.94 -8.74 -6.38
C PHE C 155 -18.31 -8.40 -4.97
N PRO C 156 -17.71 -7.37 -4.36
CA PRO C 156 -16.66 -6.56 -4.89
C PRO C 156 -15.32 -7.21 -4.63
N GLU C 157 -14.29 -6.44 -4.95
CA GLU C 157 -12.93 -6.85 -4.75
C GLU C 157 -12.52 -7.11 -3.35
N SER C 158 -11.41 -7.83 -3.44
CA SER C 158 -10.57 -8.41 -2.49
C SER C 158 -11.01 -9.79 -2.09
N VAL C 159 -10.31 -10.70 -2.72
CA VAL C 159 -10.28 -12.11 -2.34
C VAL C 159 -8.86 -12.40 -1.92
N THR C 160 -8.73 -13.42 -1.14
CA THR C 160 -7.48 -13.86 -0.59
C THR C 160 -7.38 -15.40 -0.79
N VAL C 161 -6.26 -15.87 -1.37
CA VAL C 161 -5.99 -17.32 -1.64
C VAL C 161 -4.74 -17.81 -0.90
N THR C 162 -4.90 -18.78 0.00
CA THR C 162 -3.72 -19.43 0.53
C THR C 162 -3.72 -20.92 0.19
N TRP C 163 -2.52 -21.49 0.14
CA TRP C 163 -2.39 -22.89 -0.22
C TRP C 163 -1.81 -23.61 0.99
N ASN C 164 -2.37 -24.79 1.27
CA ASN C 164 -2.10 -25.62 2.47
C ASN C 164 -1.75 -24.85 3.70
N SER C 165 -2.68 -23.99 4.10
CA SER C 165 -2.58 -23.18 5.30
C SER C 165 -1.41 -22.19 5.31
N GLY C 166 -0.86 -21.88 4.14
CA GLY C 166 0.18 -20.85 4.02
C GLY C 166 1.58 -21.39 4.19
N SER C 167 1.73 -22.70 4.10
CA SER C 167 3.00 -23.33 4.21
C SER C 167 3.64 -23.49 2.84
N LEU C 168 2.89 -23.29 1.76
CA LEU C 168 3.49 -23.43 0.45
C LEU C 168 3.71 -22.09 -0.26
N SER C 169 3.68 -21.01 0.51
CA SER C 169 3.82 -19.63 0.01
C SER C 169 4.90 -19.41 -1.07
N SER C 170 6.09 -19.97 -0.86
CA SER C 170 7.23 -19.78 -1.77
C SER C 170 6.94 -20.00 -3.28
N SER C 171 6.12 -20.96 -3.66
CA SER C 171 5.93 -21.19 -5.11
C SER C 171 4.54 -20.73 -5.60
N VAL C 172 3.93 -19.84 -4.82
CA VAL C 172 2.55 -19.43 -5.08
C VAL C 172 2.60 -18.18 -5.94
N HIS C 173 1.84 -18.15 -7.00
CA HIS C 173 1.65 -16.92 -7.76
C HIS C 173 0.18 -16.54 -7.68
N THR C 174 -0.06 -15.32 -7.21
CA THR C 174 -1.44 -14.88 -7.09
C THR C 174 -1.68 -13.69 -8.05
N PHE C 175 -2.67 -13.83 -8.95
CA PHE C 175 -2.88 -12.85 -10.04
C PHE C 175 -4.02 -11.82 -9.72
N PRO C 176 -3.77 -10.53 -10.00
CA PRO C 176 -4.78 -9.49 -9.84
C PRO C 176 -6.04 -9.79 -10.57
N ALA C 177 -7.18 -9.40 -9.97
CA ALA C 177 -8.44 -9.64 -10.61
C ALA C 177 -8.71 -8.71 -11.80
N LEU C 178 -9.50 -9.18 -12.73
CA LEU C 178 -10.03 -8.31 -13.80
C LEU C 178 -11.55 -8.39 -13.82
N LEU C 179 -12.10 -7.27 -14.22
CA LEU C 179 -13.51 -6.97 -14.21
C LEU C 179 -14.03 -7.33 -15.59
N GLN C 180 -14.94 -8.28 -15.64
CA GLN C 180 -15.50 -8.75 -16.90
C GLN C 180 -17.01 -8.59 -16.70
N SER C 181 -17.52 -7.42 -17.12
CA SER C 181 -18.95 -7.12 -17.16
C SER C 181 -19.58 -7.28 -15.77
N GLY C 182 -19.06 -6.45 -14.87
CA GLY C 182 -19.56 -6.35 -13.52
C GLY C 182 -18.98 -7.29 -12.52
N LEU C 183 -18.37 -8.40 -12.94
CA LEU C 183 -17.82 -9.39 -11.99
C LEU C 183 -16.31 -9.53 -12.12
N TYR C 184 -15.70 -9.88 -10.98
CA TYR C 184 -14.26 -10.08 -10.95
C TYR C 184 -13.86 -11.51 -11.14
N THR C 185 -12.80 -11.72 -11.92
CA THR C 185 -12.16 -13.06 -11.91
C THR C 185 -10.67 -12.98 -11.62
N MET C 186 -10.22 -13.85 -10.74
CA MET C 186 -8.79 -13.98 -10.52
C MET C 186 -8.37 -15.47 -10.40
N SER C 187 -7.06 -15.68 -10.26
CA SER C 187 -6.50 -17.00 -10.13
C SER C 187 -5.24 -16.96 -9.31
N SER C 188 -4.91 -18.13 -8.78
CA SER C 188 -3.70 -18.36 -8.05
C SER C 188 -3.11 -19.68 -8.53
N SER C 189 -1.77 -19.75 -8.60
CA SER C 189 -1.12 -21.06 -8.81
C SER C 189 -0.11 -21.40 -7.72
N VAL C 190 0.25 -22.68 -7.73
CA VAL C 190 1.28 -23.19 -6.87
C VAL C 190 2.06 -24.21 -7.70
N THR C 191 3.38 -24.26 -7.55
CA THR C 191 4.20 -25.31 -8.18
C THR C 191 4.85 -26.19 -7.11
N VAL C 192 4.77 -27.48 -7.27
CA VAL C 192 5.36 -28.38 -6.29
C VAL C 192 6.14 -29.49 -6.97
N PRO C 193 6.99 -30.16 -6.19
CA PRO C 193 7.75 -31.27 -6.77
C PRO C 193 6.78 -32.37 -7.11
N SER C 194 6.83 -32.88 -8.34
CA SER C 194 5.92 -33.92 -8.84
C SER C 194 5.80 -35.23 -8.02
N SER C 195 6.75 -35.50 -7.13
CA SER C 195 6.64 -36.65 -6.24
C SER C 195 5.64 -36.41 -5.13
N THR C 196 5.46 -35.15 -4.78
CA THR C 196 4.65 -34.79 -3.63
C THR C 196 3.15 -34.71 -3.94
N TRP C 197 2.79 -34.65 -5.23
CA TRP C 197 1.39 -34.65 -5.61
C TRP C 197 1.22 -35.68 -6.68
N PRO C 198 0.20 -36.53 -6.61
CA PRO C 198 -0.91 -36.53 -5.66
C PRO C 198 -0.62 -37.21 -4.32
N SER C 199 0.60 -37.65 -4.09
CA SER C 199 0.88 -38.40 -2.85
C SER C 199 0.74 -37.57 -1.56
N GLN C 200 0.77 -36.25 -1.69
CA GLN C 200 0.31 -35.40 -0.60
C GLN C 200 -0.70 -34.44 -1.17
N THR C 201 -1.79 -34.27 -0.43
CA THR C 201 -2.91 -33.52 -0.95
C THR C 201 -2.56 -32.03 -0.88
N VAL C 202 -3.07 -31.30 -1.83
CA VAL C 202 -2.92 -29.87 -1.83
C VAL C 202 -4.30 -29.22 -1.81
N THR C 203 -4.44 -28.18 -1.00
CA THR C 203 -5.72 -27.53 -0.78
C THR C 203 -5.58 -26.04 -1.02
N CYS C 204 -6.34 -25.45 -1.95
CA CYS C 204 -6.43 -23.98 -2.02
C CYS C 204 -7.59 -23.47 -1.14
N SER C 205 -7.31 -22.47 -0.30
CA SER C 205 -8.29 -21.86 0.56
C SER C 205 -8.61 -20.38 0.15
N VAL C 206 -9.86 -20.12 -0.22
CA VAL C 206 -10.23 -18.85 -0.85
C VAL C 206 -11.23 -18.07 -0.01
N ALA C 207 -10.82 -16.88 0.45
CA ALA C 207 -11.72 -16.00 1.26
C ALA C 207 -12.24 -14.77 0.49
N HIS C 208 -13.56 -14.50 0.66
CA HIS C 208 -14.14 -13.24 0.20
C HIS C 208 -14.83 -12.58 1.34
N PRO C 209 -14.08 -11.77 2.12
CA PRO C 209 -14.53 -11.02 3.27
C PRO C 209 -15.82 -10.32 3.05
N ALA C 210 -15.95 -9.68 1.87
CA ALA C 210 -17.11 -8.89 1.58
C ALA C 210 -18.42 -9.69 1.66
N SER C 211 -18.39 -10.98 1.40
CA SER C 211 -19.60 -11.82 1.47
C SER C 211 -19.51 -12.73 2.68
N SER C 212 -18.57 -12.47 3.56
CA SER C 212 -18.35 -13.36 4.69
C SER C 212 -18.19 -14.86 4.37
N THR C 213 -17.40 -15.17 3.35
CA THR C 213 -17.38 -16.48 2.72
C THR C 213 -15.91 -17.00 2.54
N THR C 214 -15.75 -18.32 2.71
CA THR C 214 -14.52 -19.04 2.37
C THR C 214 -14.89 -20.34 1.68
N VAL C 215 -14.01 -20.77 0.77
CA VAL C 215 -14.13 -22.03 0.05
C VAL C 215 -12.75 -22.72 0.02
N ASP C 216 -12.70 -23.98 0.41
CA ASP C 216 -11.46 -24.80 0.32
C ASP C 216 -11.64 -25.94 -0.63
N LYS C 217 -10.75 -26.03 -1.61
CA LYS C 217 -10.71 -27.10 -2.59
C LYS C 217 -9.45 -28.03 -2.42
N LYS C 218 -9.64 -29.36 -2.27
CA LYS C 218 -8.55 -30.35 -2.56
C LYS C 218 -8.27 -30.32 -4.06
N LEU C 219 -6.99 -30.47 -4.45
CA LEU C 219 -6.59 -30.63 -5.87
C LEU C 219 -6.50 -32.13 -6.23
N GLU C 220 -7.03 -32.57 -7.39
CA GLU C 220 -7.47 -33.97 -7.60
C GLU C 220 -6.99 -34.90 -8.78
N PRO C 221 -7.51 -34.73 -10.04
CA PRO C 221 -7.43 -35.84 -11.05
C PRO C 221 -6.01 -36.17 -11.36
#